data_5CL3
#
_entry.id   5CL3
#
_cell.length_a   38.194
_cell.length_b   93.652
_cell.length_c   48.075
_cell.angle_alpha   90.000
_cell.angle_beta   113.050
_cell.angle_gamma   90.000
#
_symmetry.space_group_name_H-M   'P 1 21 1'
#
loop_
_entity.id
_entity.type
_entity.pdbx_description
1 polymer AlkD
2 polymer "DNA (5'-D(*CP*CP*CP*GP*AP*(DZM)P*AP*GP*TP*CP*CP*G)-3')"
3 polymer "DNA (5'-D(*CP*GP*GP*AP*CP*TP*TP*TP*CP*GP*GP*G)-3')"
4 water water
#
loop_
_entity_poly.entity_id
_entity_poly.type
_entity_poly.pdbx_seq_one_letter_code
_entity_poly.pdbx_strand_id
1 'polypeptide(L)'
;GPVPMHPFVKALQEHFTAHQNPEKAEPMARYMKNHFLFLGIQTPERRQLLKDIIQIHTLPDQKDFQIIIRELWDLPEREF
QAAALDIMQKYKKHINETHIPFLEELIVTKSWWDSVDSIVPTFLGDIFLKHPELISAYIPKWIASDNIWLQRAAILFQLK
YKQKMDEELLFWIIGQLHSSKEFFIQKAIGWVLREYAKTNPDVVWEYVQNNELAPLSKREAIKHIKQNYGINN
;
A
2 'polydeoxyribonucleotide' (DC)(DC)(DC)(DG)(DA)(DZM)(DA)(DG)(DT)(DC)(DC)(DG) B
3 'polydeoxyribonucleotide' (DC)(DG)(DG)(DA)(DC)(DT)(DT)(DT)(DC)(DG)(DG)(DG) C
#
# COMPACT_ATOMS: atom_id res chain seq x y z
N VAL A 3 -3.44 -23.37 -13.95
CA VAL A 3 -2.12 -23.56 -13.32
C VAL A 3 -2.22 -24.35 -12.02
N PRO A 4 -1.54 -25.52 -11.96
CA PRO A 4 -1.53 -26.37 -10.76
C PRO A 4 -0.92 -25.65 -9.54
N MET A 5 -1.53 -25.80 -8.38
CA MET A 5 -1.11 -25.01 -7.22
C MET A 5 0.28 -25.41 -6.76
N HIS A 6 1.13 -24.42 -6.52
CA HIS A 6 2.46 -24.69 -5.97
C HIS A 6 2.34 -25.36 -4.58
N PRO A 7 3.17 -26.38 -4.32
CA PRO A 7 3.07 -27.13 -3.05
C PRO A 7 3.22 -26.24 -1.82
N PHE A 8 4.01 -25.17 -1.94
CA PHE A 8 4.18 -24.24 -0.84
C PHE A 8 2.85 -23.54 -0.54
N VAL A 9 2.19 -23.06 -1.60
CA VAL A 9 0.90 -22.41 -1.45
C VAL A 9 -0.15 -23.39 -0.88
N LYS A 10 -0.18 -24.63 -1.39
CA LYS A 10 -1.12 -25.62 -0.90
C LYS A 10 -0.90 -25.89 0.59
N ALA A 11 0.36 -25.98 1.01
CA ALA A 11 0.70 -26.23 2.41
C ALA A 11 0.22 -25.08 3.27
N LEU A 12 0.42 -23.87 2.76
CA LEU A 12 0.02 -22.67 3.45
C LEU A 12 -1.50 -22.57 3.58
N GLN A 13 -2.20 -22.87 2.49
CA GLN A 13 -3.65 -22.92 2.50
C GLN A 13 -4.20 -23.95 3.52
N GLU A 14 -3.61 -25.15 3.54
CA GLU A 14 -4.02 -26.18 4.51
C GLU A 14 -3.83 -25.73 5.95
N HIS A 15 -2.67 -25.16 6.23
CA HIS A 15 -2.28 -24.78 7.59
C HIS A 15 -3.14 -23.60 8.06
N PHE A 16 -3.30 -22.58 7.23
CA PHE A 16 -4.17 -21.46 7.56
C PHE A 16 -5.59 -21.95 7.84
N THR A 17 -6.13 -22.75 6.93
CA THR A 17 -7.52 -23.18 7.03
C THR A 17 -7.77 -24.00 8.29
N ALA A 18 -6.77 -24.77 8.73
CA ALA A 18 -6.91 -25.57 9.96
C ALA A 18 -6.97 -24.70 11.22
N HIS A 19 -6.57 -23.43 11.10
CA HIS A 19 -6.64 -22.52 12.24
C HIS A 19 -7.63 -21.39 12.03
N GLN A 20 -8.63 -21.60 11.18
CA GLN A 20 -9.60 -20.54 10.91
C GLN A 20 -10.46 -20.25 12.12
N ASN A 21 -10.99 -19.04 12.18
CA ASN A 21 -11.80 -18.60 13.31
C ASN A 21 -13.00 -17.83 12.75
N PRO A 22 -14.12 -18.54 12.54
CA PRO A 22 -15.32 -17.97 11.91
C PRO A 22 -15.90 -16.82 12.73
N GLU A 23 -15.77 -16.92 14.05
CA GLU A 23 -16.24 -15.88 14.93
C GLU A 23 -15.50 -14.56 14.68
N LYS A 24 -14.18 -14.62 14.58
CA LYS A 24 -13.37 -13.42 14.29
C LYS A 24 -13.52 -12.96 12.85
N ALA A 25 -13.75 -13.91 11.94
CA ALA A 25 -13.83 -13.61 10.51
C ALA A 25 -14.94 -12.62 10.18
N GLU A 26 -16.04 -12.68 10.92
CA GLU A 26 -17.19 -11.84 10.62
C GLU A 26 -16.88 -10.35 10.83
N PRO A 27 -16.44 -9.93 12.04
CA PRO A 27 -16.12 -8.50 12.15
C PRO A 27 -14.90 -8.07 11.32
N MET A 28 -13.93 -8.98 11.15
CA MET A 28 -12.76 -8.68 10.32
C MET A 28 -13.16 -8.34 8.87
N ALA A 29 -14.15 -9.06 8.36
CA ALA A 29 -14.67 -8.82 7.02
C ALA A 29 -15.48 -7.53 6.96
N ARG A 30 -16.26 -7.25 8.00
CA ARG A 30 -17.06 -6.03 8.04
C ARG A 30 -16.15 -4.79 8.10
N TYR A 31 -14.98 -4.95 8.73
CA TYR A 31 -14.02 -3.87 8.84
C TYR A 31 -13.52 -3.49 7.44
N MET A 32 -13.48 -4.47 6.54
CA MET A 32 -13.10 -4.22 5.16
C MET A 32 -14.34 -4.06 4.26
N LYS A 33 -15.46 -3.70 4.88
CA LYS A 33 -16.69 -3.38 4.16
C LYS A 33 -17.17 -4.57 3.34
N ASN A 34 -16.84 -5.76 3.80
CA ASN A 34 -17.29 -7.01 3.18
C ASN A 34 -16.86 -7.19 1.73
N HIS A 35 -15.74 -6.58 1.35
CA HIS A 35 -15.21 -6.80 0.03
C HIS A 35 -14.50 -8.15 -0.05
N PHE A 36 -14.14 -8.73 1.10
CA PHE A 36 -13.38 -9.98 1.14
C PHE A 36 -13.90 -11.02 2.12
N LEU A 37 -13.82 -12.29 1.74
CA LEU A 37 -13.89 -13.37 2.74
C LEU A 37 -12.64 -13.33 3.61
N PHE A 38 -12.79 -13.72 4.88
CA PHE A 38 -11.67 -13.82 5.81
C PHE A 38 -11.68 -15.20 6.44
N LEU A 39 -10.51 -15.73 6.80
CA LEU A 39 -10.47 -16.94 7.63
C LEU A 39 -10.65 -16.60 9.12
N GLY A 40 -10.27 -15.38 9.50
CA GLY A 40 -10.38 -14.94 10.87
C GLY A 40 -9.07 -15.05 11.64
N ILE A 41 -7.96 -15.01 10.91
CA ILE A 41 -6.65 -15.14 11.53
C ILE A 41 -5.96 -13.78 11.55
N GLN A 42 -5.60 -13.31 12.72
CA GLN A 42 -4.97 -11.99 12.79
C GLN A 42 -3.45 -12.10 12.63
N THR A 43 -2.80 -10.95 12.53
CA THR A 43 -1.42 -10.91 12.06
C THR A 43 -0.41 -11.72 12.91
N PRO A 44 -0.45 -11.59 14.25
CA PRO A 44 0.56 -12.36 14.98
C PRO A 44 0.50 -13.88 14.69
N GLU A 45 -0.69 -14.46 14.71
CA GLU A 45 -0.79 -15.89 14.40
C GLU A 45 -0.53 -16.16 12.91
N ARG A 46 -1.00 -15.26 12.04
CA ARG A 46 -0.81 -15.47 10.61
C ARG A 46 0.67 -15.56 10.25
N ARG A 47 1.49 -14.72 10.87
CA ARG A 47 2.93 -14.73 10.63
C ARG A 47 3.60 -15.98 11.19
N GLN A 48 3.13 -16.46 12.35
CA GLN A 48 3.64 -17.70 12.91
C GLN A 48 3.30 -18.87 12.00
N LEU A 49 2.07 -18.89 11.49
CA LEU A 49 1.63 -19.98 10.62
C LEU A 49 2.47 -20.02 9.35
N LEU A 50 2.77 -18.85 8.80
CA LEU A 50 3.66 -18.76 7.64
C LEU A 50 5.05 -19.28 8.01
N LYS A 51 5.51 -18.89 9.18
CA LYS A 51 6.82 -19.29 9.66
C LYS A 51 6.92 -20.80 9.78
N ASP A 52 5.84 -21.43 10.23
CA ASP A 52 5.77 -22.89 10.35
C ASP A 52 6.04 -23.58 9.02
N ILE A 53 5.43 -23.04 7.97
CA ILE A 53 5.50 -23.66 6.65
C ILE A 53 6.88 -23.45 6.02
N ILE A 54 7.46 -22.28 6.26
CA ILE A 54 8.83 -22.03 5.81
C ILE A 54 9.81 -22.95 6.53
N GLN A 55 9.61 -23.18 7.83
CA GLN A 55 10.51 -24.04 8.59
C GLN A 55 10.47 -25.47 8.06
N ILE A 56 9.28 -25.93 7.67
CA ILE A 56 9.11 -27.28 7.16
C ILE A 56 9.55 -27.44 5.70
N HIS A 57 9.06 -26.56 4.82
CA HIS A 57 9.28 -26.70 3.38
C HIS A 57 10.43 -25.88 2.80
N THR A 58 10.90 -24.90 3.55
CA THR A 58 11.84 -23.85 3.12
C THR A 58 11.18 -22.91 2.12
N LEU A 59 11.75 -21.71 2.01
CA LEU A 59 11.23 -20.74 1.07
C LEU A 59 11.57 -21.23 -0.34
N PRO A 60 10.57 -21.26 -1.23
CA PRO A 60 10.79 -21.67 -2.63
C PRO A 60 11.91 -20.89 -3.31
N ASP A 61 12.54 -21.50 -4.31
CA ASP A 61 13.53 -20.81 -5.12
C ASP A 61 12.93 -19.55 -5.71
N GLN A 62 13.78 -18.53 -5.90
CA GLN A 62 13.32 -17.23 -6.38
C GLN A 62 12.64 -17.33 -7.75
N LYS A 63 12.93 -18.39 -8.50
CA LYS A 63 12.32 -18.61 -9.81
C LYS A 63 10.80 -18.70 -9.70
N ASP A 64 10.31 -19.02 -8.51
CA ASP A 64 8.88 -19.21 -8.27
C ASP A 64 8.25 -18.09 -7.45
N PHE A 65 9.03 -17.05 -7.17
CA PHE A 65 8.60 -15.94 -6.34
C PHE A 65 7.28 -15.33 -6.84
N GLN A 66 7.27 -14.82 -8.07
CA GLN A 66 6.08 -14.20 -8.63
C GLN A 66 4.91 -15.18 -8.75
N ILE A 67 5.22 -16.44 -9.01
CA ILE A 67 4.17 -17.44 -9.14
C ILE A 67 3.44 -17.63 -7.80
N ILE A 68 4.20 -17.79 -6.72
CA ILE A 68 3.62 -17.92 -5.36
C ILE A 68 2.71 -16.74 -5.02
N ILE A 69 3.17 -15.53 -5.31
CA ILE A 69 2.40 -14.33 -4.96
C ILE A 69 1.08 -14.28 -5.69
N ARG A 70 1.12 -14.55 -6.99
CA ARG A 70 -0.09 -14.52 -7.80
C ARG A 70 -1.08 -15.59 -7.37
N GLU A 71 -0.59 -16.78 -7.07
CA GLU A 71 -1.48 -17.85 -6.64
C GLU A 71 -2.14 -17.52 -5.30
N LEU A 72 -1.39 -16.95 -4.37
CA LEU A 72 -1.98 -16.48 -3.12
C LEU A 72 -2.95 -15.33 -3.35
N TRP A 73 -2.63 -14.46 -4.31
CA TRP A 73 -3.49 -13.34 -4.64
C TRP A 73 -4.84 -13.82 -5.15
N ASP A 74 -4.83 -14.96 -5.85
CA ASP A 74 -6.04 -15.53 -6.45
C ASP A 74 -6.92 -16.26 -5.43
N LEU A 75 -6.40 -16.56 -4.25
CA LEU A 75 -7.20 -17.24 -3.24
C LEU A 75 -8.19 -16.25 -2.62
N PRO A 76 -9.39 -16.74 -2.23
CA PRO A 76 -10.49 -15.86 -1.87
C PRO A 76 -10.33 -15.13 -0.54
N GLU A 77 -9.69 -15.76 0.45
CA GLU A 77 -9.63 -15.15 1.78
C GLU A 77 -8.49 -14.14 1.90
N ARG A 78 -8.77 -13.04 2.58
CA ARG A 78 -7.86 -11.91 2.58
C ARG A 78 -6.52 -12.26 3.24
N GLU A 79 -6.52 -13.22 4.16
CA GLU A 79 -5.28 -13.61 4.82
C GLU A 79 -4.22 -14.08 3.81
N PHE A 80 -4.63 -14.63 2.67
CA PHE A 80 -3.64 -15.13 1.71
C PHE A 80 -2.94 -13.97 0.97
N GLN A 81 -3.63 -12.85 0.82
CA GLN A 81 -2.97 -11.70 0.21
C GLN A 81 -2.02 -11.08 1.24
N ALA A 82 -2.42 -11.11 2.52
CA ALA A 82 -1.55 -10.58 3.56
C ALA A 82 -0.31 -11.45 3.69
N ALA A 83 -0.48 -12.77 3.62
CA ALA A 83 0.66 -13.68 3.63
C ALA A 83 1.56 -13.41 2.41
N ALA A 84 0.94 -13.18 1.27
CA ALA A 84 1.68 -12.95 0.03
C ALA A 84 2.61 -11.73 0.19
N LEU A 85 2.13 -10.71 0.86
CA LEU A 85 2.96 -9.53 1.07
C LEU A 85 4.11 -9.83 2.06
N ASP A 86 3.85 -10.60 3.12
CA ASP A 86 4.90 -11.08 4.01
C ASP A 86 5.99 -11.81 3.21
N ILE A 87 5.55 -12.66 2.30
CA ILE A 87 6.46 -13.48 1.51
C ILE A 87 7.27 -12.61 0.53
N MET A 88 6.63 -11.64 -0.12
CA MET A 88 7.34 -10.76 -1.03
C MET A 88 8.46 -10.02 -0.30
N GLN A 89 8.22 -9.61 0.94
CA GLN A 89 9.25 -8.99 1.77
C GLN A 89 10.47 -9.91 1.91
N LYS A 90 10.23 -11.22 1.98
CA LYS A 90 11.34 -12.17 2.11
C LYS A 90 12.12 -12.33 0.79
N TYR A 91 11.53 -11.91 -0.32
CA TYR A 91 12.23 -11.95 -1.60
C TYR A 91 12.72 -10.55 -2.01
N LYS A 92 12.67 -9.64 -1.05
CA LYS A 92 12.92 -8.20 -1.30
C LYS A 92 14.19 -7.89 -2.09
N LYS A 93 15.26 -8.63 -1.85
CA LYS A 93 16.53 -8.35 -2.49
C LYS A 93 16.57 -8.82 -3.94
N HIS A 94 15.50 -9.47 -4.40
CA HIS A 94 15.42 -9.89 -5.79
C HIS A 94 14.59 -8.92 -6.61
N ILE A 95 13.99 -7.95 -5.92
CA ILE A 95 13.05 -7.04 -6.55
C ILE A 95 13.79 -5.81 -7.08
N ASN A 96 13.51 -5.45 -8.33
CA ASN A 96 14.15 -4.29 -8.95
C ASN A 96 13.16 -3.54 -9.84
N GLU A 97 13.64 -2.64 -10.69
CA GLU A 97 12.74 -1.80 -11.46
C GLU A 97 11.91 -2.60 -12.48
N THR A 98 12.39 -3.78 -12.88
CA THR A 98 11.65 -4.59 -13.85
C THR A 98 10.38 -5.17 -13.23
N HIS A 99 10.25 -5.07 -11.91
CA HIS A 99 9.03 -5.55 -11.25
C HIS A 99 7.94 -4.51 -11.14
N ILE A 100 8.11 -3.32 -11.73
CA ILE A 100 7.06 -2.32 -11.54
C ILE A 100 5.71 -2.77 -12.12
N PRO A 101 5.68 -3.32 -13.36
CA PRO A 101 4.38 -3.77 -13.87
C PRO A 101 3.77 -4.89 -13.02
N PHE A 102 4.59 -5.79 -12.51
CA PHE A 102 4.14 -6.86 -11.60
C PHE A 102 3.48 -6.26 -10.37
N LEU A 103 4.11 -5.23 -9.79
CA LEU A 103 3.55 -4.52 -8.63
C LEU A 103 2.27 -3.74 -8.95
N GLU A 104 2.24 -3.08 -10.11
CA GLU A 104 1.02 -2.45 -10.61
C GLU A 104 -0.16 -3.40 -10.61
N GLU A 105 0.06 -4.59 -11.16
CA GLU A 105 -1.00 -5.57 -11.26
C GLU A 105 -1.47 -6.04 -9.88
N LEU A 106 -0.58 -6.11 -8.90
CA LEU A 106 -1.03 -6.44 -7.53
C LEU A 106 -1.89 -5.30 -6.99
N ILE A 107 -1.52 -4.06 -7.29
CA ILE A 107 -2.27 -2.91 -6.81
C ILE A 107 -3.70 -2.89 -7.34
N VAL A 108 -3.90 -3.24 -8.62
CA VAL A 108 -5.24 -3.12 -9.19
C VAL A 108 -6.10 -4.41 -9.11
N THR A 109 -5.59 -5.45 -8.46
CA THR A 109 -6.41 -6.66 -8.29
C THR A 109 -6.61 -6.93 -6.80
N LYS A 110 -7.82 -7.34 -6.40
CA LYS A 110 -8.15 -7.49 -4.97
C LYS A 110 -7.82 -6.19 -4.21
N SER A 111 -8.20 -5.07 -4.80
CA SER A 111 -7.75 -3.75 -4.34
C SER A 111 -8.49 -3.26 -3.10
N TRP A 112 -7.75 -2.83 -2.10
CA TRP A 112 -8.31 -2.09 -0.97
C TRP A 112 -7.15 -1.39 -0.26
N TRP A 113 -7.43 -0.58 0.74
CA TRP A 113 -6.38 0.23 1.37
C TRP A 113 -5.32 -0.63 2.06
N ASP A 114 -5.68 -1.83 2.52
CA ASP A 114 -4.72 -2.65 3.24
C ASP A 114 -3.62 -3.18 2.31
N SER A 115 -4.00 -3.73 1.16
CA SER A 115 -3.00 -4.26 0.24
C SER A 115 -2.21 -3.12 -0.40
N VAL A 116 -2.92 -2.09 -0.85
CA VAL A 116 -2.27 -0.98 -1.58
C VAL A 116 -1.28 -0.22 -0.68
N ASP A 117 -1.65 0.03 0.57
CA ASP A 117 -0.75 0.71 1.51
C ASP A 117 0.48 -0.12 1.85
N SER A 118 0.36 -1.44 1.79
CA SER A 118 1.48 -2.33 2.03
C SER A 118 2.44 -2.42 0.84
N ILE A 119 1.93 -2.14 -0.35
CA ILE A 119 2.73 -2.30 -1.55
C ILE A 119 3.46 -1.01 -1.93
N VAL A 120 2.80 0.12 -1.76
CA VAL A 120 3.25 1.36 -2.40
C VAL A 120 4.41 2.10 -1.69
N PRO A 121 4.25 2.51 -0.41
CA PRO A 121 5.37 3.29 0.15
C PRO A 121 6.64 2.47 0.38
N THR A 122 6.50 1.15 0.43
CA THR A 122 7.64 0.28 0.69
C THR A 122 8.29 -0.20 -0.62
N PHE A 123 7.65 -1.15 -1.28
CA PHE A 123 8.23 -1.76 -2.48
C PHE A 123 8.40 -0.76 -3.62
N LEU A 124 7.34 -0.06 -3.99
CA LEU A 124 7.44 0.91 -5.08
C LEU A 124 8.28 2.13 -4.66
N GLY A 125 8.07 2.59 -3.42
CA GLY A 125 8.87 3.66 -2.86
C GLY A 125 10.37 3.42 -2.96
N ASP A 126 10.81 2.20 -2.66
CA ASP A 126 12.24 1.87 -2.74
C ASP A 126 12.76 1.88 -4.18
N ILE A 127 11.96 1.31 -5.08
CA ILE A 127 12.34 1.21 -6.49
C ILE A 127 12.51 2.60 -7.12
N PHE A 128 11.54 3.49 -6.95
CA PHE A 128 11.62 4.84 -7.51
C PHE A 128 12.67 5.69 -6.81
N LEU A 129 13.02 5.34 -5.58
CA LEU A 129 14.04 6.09 -4.88
C LEU A 129 15.37 5.79 -5.58
N LYS A 130 15.55 4.54 -5.98
CA LYS A 130 16.78 4.15 -6.65
C LYS A 130 16.75 4.49 -8.15
N HIS A 131 15.56 4.56 -8.74
CA HIS A 131 15.43 4.86 -10.17
C HIS A 131 14.40 5.96 -10.40
N PRO A 132 14.72 7.18 -9.96
CA PRO A 132 13.74 8.26 -10.03
C PRO A 132 13.42 8.65 -11.46
N GLU A 133 14.30 8.33 -12.40
CA GLU A 133 14.07 8.63 -13.82
C GLU A 133 12.91 7.81 -14.38
N LEU A 134 12.50 6.77 -13.66
CA LEU A 134 11.38 5.94 -14.12
C LEU A 134 10.05 6.48 -13.63
N ILE A 135 10.07 7.48 -12.75
CA ILE A 135 8.83 7.98 -12.18
C ILE A 135 7.90 8.48 -13.29
N SER A 136 8.44 9.23 -14.24
CA SER A 136 7.63 9.83 -15.28
C SER A 136 7.14 8.80 -16.29
N ALA A 137 7.64 7.57 -16.23
CA ALA A 137 7.12 6.53 -17.10
C ALA A 137 5.83 5.92 -16.55
N TYR A 138 5.45 6.28 -15.34
CA TYR A 138 4.31 5.62 -14.68
C TYR A 138 3.33 6.58 -14.00
N ILE A 139 3.85 7.53 -13.23
CA ILE A 139 2.98 8.42 -12.46
C ILE A 139 1.94 9.17 -13.33
N PRO A 140 2.35 9.71 -14.51
CA PRO A 140 1.31 10.39 -15.29
C PRO A 140 0.17 9.45 -15.72
N LYS A 141 0.51 8.22 -16.12
CA LYS A 141 -0.48 7.21 -16.47
C LYS A 141 -1.37 6.85 -15.27
N TRP A 142 -0.77 6.74 -14.09
CA TRP A 142 -1.50 6.34 -12.90
C TRP A 142 -2.56 7.38 -12.54
N ILE A 143 -2.16 8.64 -12.61
CA ILE A 143 -3.04 9.77 -12.34
C ILE A 143 -4.16 9.87 -13.37
N ALA A 144 -3.85 9.63 -14.64
CA ALA A 144 -4.86 9.72 -15.70
C ALA A 144 -5.80 8.53 -15.71
N SER A 145 -5.46 7.48 -14.99
CA SER A 145 -6.24 6.26 -15.08
C SER A 145 -7.56 6.42 -14.35
N ASP A 146 -8.51 5.53 -14.61
CA ASP A 146 -9.77 5.61 -13.88
C ASP A 146 -9.61 5.09 -12.43
N ASN A 147 -8.45 4.54 -12.12
CA ASN A 147 -8.28 3.65 -10.97
C ASN A 147 -7.82 4.36 -9.71
N ILE A 148 -8.66 4.41 -8.68
CA ILE A 148 -8.31 5.24 -7.54
C ILE A 148 -7.10 4.67 -6.79
N TRP A 149 -6.85 3.38 -6.92
CA TRP A 149 -5.71 2.80 -6.20
C TRP A 149 -4.40 3.13 -6.90
N LEU A 150 -4.41 3.22 -8.23
CA LEU A 150 -3.23 3.72 -8.94
C LEU A 150 -2.99 5.18 -8.59
N GLN A 151 -4.07 5.94 -8.48
CA GLN A 151 -3.94 7.35 -8.08
C GLN A 151 -3.39 7.47 -6.65
N ARG A 152 -3.84 6.60 -5.76
CA ARG A 152 -3.34 6.62 -4.39
C ARG A 152 -1.85 6.23 -4.37
N ALA A 153 -1.47 5.32 -5.25
CA ALA A 153 -0.07 4.91 -5.39
C ALA A 153 0.81 6.10 -5.78
N ALA A 154 0.32 6.91 -6.70
CA ALA A 154 1.05 8.12 -7.13
C ALA A 154 1.25 9.10 -5.97
N ILE A 155 0.26 9.20 -5.09
CA ILE A 155 0.36 10.08 -3.93
C ILE A 155 1.32 9.51 -2.88
N LEU A 156 1.23 8.21 -2.61
CA LEU A 156 1.88 7.65 -1.42
C LEU A 156 3.28 7.06 -1.63
N PHE A 157 3.74 6.92 -2.86
CA PHE A 157 5.00 6.20 -3.05
C PHE A 157 6.16 6.96 -2.44
N GLN A 158 6.01 8.27 -2.22
CA GLN A 158 7.05 9.05 -1.57
C GLN A 158 6.85 9.22 -0.07
N LEU A 159 5.83 8.53 0.48
CA LEU A 159 5.43 8.74 1.88
C LEU A 159 6.60 8.77 2.87
N LYS A 160 7.57 7.88 2.67
CA LYS A 160 8.66 7.71 3.64
C LYS A 160 9.98 8.36 3.20
N TYR A 161 9.92 9.25 2.21
CA TYR A 161 11.15 9.77 1.61
C TYR A 161 11.86 10.77 2.51
N LYS A 162 11.10 11.41 3.39
CA LYS A 162 11.66 12.40 4.31
C LYS A 162 12.47 13.46 3.55
N GLN A 163 13.76 13.57 3.85
CA GLN A 163 14.57 14.60 3.22
C GLN A 163 14.84 14.33 1.74
N LYS A 164 14.39 13.17 1.25
CA LYS A 164 14.59 12.82 -0.15
C LYS A 164 13.32 13.06 -0.97
N MET A 165 12.31 13.62 -0.32
CA MET A 165 11.07 14.01 -0.96
C MET A 165 11.33 14.93 -2.15
N ASP A 166 10.66 14.67 -3.27
CA ASP A 166 10.67 15.61 -4.40
C ASP A 166 9.46 16.53 -4.22
N GLU A 167 9.69 17.73 -3.68
CA GLU A 167 8.60 18.62 -3.33
C GLU A 167 7.79 19.06 -4.55
N GLU A 168 8.48 19.51 -5.59
CA GLU A 168 7.80 19.94 -6.80
C GLU A 168 6.91 18.83 -7.35
N LEU A 169 7.44 17.61 -7.38
CA LEU A 169 6.66 16.48 -7.85
C LEU A 169 5.48 16.19 -6.96
N LEU A 170 5.73 16.18 -5.65
CA LEU A 170 4.68 15.92 -4.67
C LEU A 170 3.51 16.87 -4.87
N PHE A 171 3.82 18.16 -4.96
CA PHE A 171 2.78 19.17 -5.09
C PHE A 171 2.10 19.14 -6.44
N TRP A 172 2.84 18.78 -7.48
CA TRP A 172 2.24 18.61 -8.81
C TRP A 172 1.21 17.48 -8.78
N ILE A 173 1.61 16.37 -8.18
CA ILE A 173 0.70 15.22 -8.08
C ILE A 173 -0.55 15.59 -7.28
N ILE A 174 -0.37 16.26 -6.15
CA ILE A 174 -1.51 16.66 -5.34
C ILE A 174 -2.40 17.61 -6.13
N GLY A 175 -1.79 18.57 -6.81
CA GLY A 175 -2.53 19.50 -7.66
C GLY A 175 -3.41 18.77 -8.66
N GLN A 176 -2.90 17.68 -9.23
CA GLN A 176 -3.65 16.93 -10.22
C GLN A 176 -4.88 16.24 -9.60
N LEU A 177 -4.81 15.93 -8.32
CA LEU A 177 -5.83 15.09 -7.70
C LEU A 177 -6.67 15.78 -6.62
N HIS A 178 -6.44 17.08 -6.43
CA HIS A 178 -7.03 17.80 -5.29
C HIS A 178 -8.53 17.96 -5.41
N SER A 179 -9.07 17.79 -6.62
CA SER A 179 -10.51 17.95 -6.84
C SER A 179 -11.27 16.63 -6.70
N SER A 180 -10.55 15.54 -6.51
CA SER A 180 -11.20 14.25 -6.43
C SER A 180 -12.14 14.21 -5.23
N LYS A 181 -13.34 13.67 -5.46
CA LYS A 181 -14.31 13.52 -4.38
C LYS A 181 -14.15 12.15 -3.65
N GLU A 182 -13.18 11.34 -4.08
CA GLU A 182 -12.94 10.03 -3.50
CA GLU A 182 -12.97 10.03 -3.49
C GLU A 182 -12.29 10.13 -2.11
N PHE A 183 -12.92 9.51 -1.11
CA PHE A 183 -12.33 9.51 0.23
C PHE A 183 -10.86 9.06 0.22
N PHE A 184 -10.59 7.95 -0.44
CA PHE A 184 -9.25 7.36 -0.36
C PHE A 184 -8.19 8.22 -1.03
N ILE A 185 -8.60 9.10 -1.94
CA ILE A 185 -7.67 10.07 -2.52
C ILE A 185 -7.47 11.30 -1.61
N GLN A 186 -8.57 11.87 -1.10
CA GLN A 186 -8.50 13.01 -0.19
C GLN A 186 -7.70 12.66 1.05
N LYS A 187 -7.90 11.44 1.57
CA LYS A 187 -7.19 10.97 2.77
C LYS A 187 -5.70 10.74 2.54
N ALA A 188 -5.34 10.15 1.39
CA ALA A 188 -3.94 9.93 1.04
C ALA A 188 -3.18 11.26 0.92
N ILE A 189 -3.84 12.27 0.37
CA ILE A 189 -3.24 13.58 0.21
C ILE A 189 -2.99 14.14 1.61
N GLY A 190 -3.98 14.03 2.48
CA GLY A 190 -3.82 14.48 3.85
C GLY A 190 -2.65 13.78 4.53
N TRP A 191 -2.61 12.45 4.40
CA TRP A 191 -1.57 11.63 4.97
C TRP A 191 -0.17 12.03 4.52
N VAL A 192 0.05 12.11 3.21
CA VAL A 192 1.39 12.35 2.72
C VAL A 192 1.87 13.73 3.14
N LEU A 193 0.95 14.70 3.20
CA LEU A 193 1.29 16.05 3.64
C LEU A 193 1.57 16.05 5.15
N ARG A 194 0.74 15.35 5.92
CA ARG A 194 0.97 15.26 7.36
C ARG A 194 2.35 14.66 7.64
N GLU A 195 2.71 13.64 6.89
CA GLU A 195 3.98 12.94 7.10
C GLU A 195 5.14 13.82 6.69
N TYR A 196 5.04 14.45 5.52
CA TYR A 196 6.13 15.29 5.04
C TYR A 196 6.32 16.50 5.95
N ALA A 197 5.24 16.92 6.62
CA ALA A 197 5.32 18.07 7.53
C ALA A 197 6.23 17.79 8.72
N LYS A 198 6.46 16.51 9.02
CA LYS A 198 7.40 16.14 10.07
C LYS A 198 8.84 16.41 9.64
N THR A 199 9.05 16.59 8.34
CA THR A 199 10.37 16.88 7.78
C THR A 199 10.51 18.38 7.49
N ASN A 200 9.48 18.95 6.88
CA ASN A 200 9.47 20.35 6.48
C ASN A 200 8.10 20.97 6.73
N PRO A 201 7.82 21.35 8.00
CA PRO A 201 6.50 21.90 8.34
C PRO A 201 6.18 23.20 7.62
N ASP A 202 7.15 24.10 7.51
CA ASP A 202 6.92 25.40 6.85
C ASP A 202 6.38 25.22 5.42
N VAL A 203 6.98 24.33 4.65
CA VAL A 203 6.58 24.11 3.26
C VAL A 203 5.15 23.56 3.16
N VAL A 204 4.84 22.60 4.02
CA VAL A 204 3.48 22.06 4.06
C VAL A 204 2.49 23.12 4.51
N TRP A 205 2.82 23.86 5.56
CA TRP A 205 1.93 24.91 6.02
C TRP A 205 1.65 25.91 4.89
N GLU A 206 2.70 26.40 4.26
CA GLU A 206 2.51 27.40 3.18
C GLU A 206 1.65 26.80 2.06
N TYR A 207 1.86 25.52 1.74
CA TYR A 207 1.13 24.90 0.65
C TYR A 207 -0.37 24.84 0.95
N VAL A 208 -0.74 24.39 2.15
CA VAL A 208 -2.14 24.20 2.43
C VAL A 208 -2.84 25.52 2.67
N GLN A 209 -2.10 26.57 3.05
CA GLN A 209 -2.76 27.86 3.21
C GLN A 209 -2.96 28.59 1.88
N ASN A 210 -2.31 28.14 0.82
CA ASN A 210 -2.35 28.88 -0.43
C ASN A 210 -2.73 28.06 -1.67
N ASN A 211 -3.18 26.81 -1.46
CA ASN A 211 -3.63 25.97 -2.57
C ASN A 211 -4.92 25.22 -2.21
N GLU A 212 -5.79 25.01 -3.19
CA GLU A 212 -7.06 24.33 -2.97
C GLU A 212 -6.87 22.88 -2.56
N LEU A 213 -7.56 22.48 -1.48
CA LEU A 213 -7.61 21.08 -1.05
C LEU A 213 -9.00 20.76 -0.55
N ALA A 214 -9.43 19.51 -0.72
CA ALA A 214 -10.60 19.02 0.00
C ALA A 214 -10.43 19.31 1.49
N PRO A 215 -11.53 19.69 2.16
CA PRO A 215 -11.49 19.99 3.60
C PRO A 215 -10.86 18.86 4.42
N LEU A 216 -11.16 17.61 4.07
CA LEU A 216 -10.57 16.46 4.77
C LEU A 216 -9.06 16.41 4.58
N SER A 217 -8.60 16.66 3.37
CA SER A 217 -7.17 16.67 3.09
C SER A 217 -6.46 17.72 3.96
N LYS A 218 -6.99 18.93 3.97
CA LYS A 218 -6.32 20.02 4.68
C LYS A 218 -6.28 19.75 6.17
N ARG A 219 -7.43 19.39 6.74
CA ARG A 219 -7.53 19.10 8.17
C ARG A 219 -6.56 17.99 8.59
N GLU A 220 -6.48 16.94 7.80
CA GLU A 220 -5.56 15.83 8.12
C GLU A 220 -4.10 16.26 7.98
N ALA A 221 -3.82 17.08 6.96
CA ALA A 221 -2.47 17.61 6.75
C ALA A 221 -1.92 18.39 7.95
N ILE A 222 -2.77 19.16 8.61
CA ILE A 222 -2.28 20.08 9.64
C ILE A 222 -2.66 19.62 11.02
N LYS A 223 -3.03 18.34 11.11
CA LYS A 223 -3.44 17.71 12.37
C LYS A 223 -2.45 17.99 13.50
N HIS A 224 -1.16 17.98 13.16
CA HIS A 224 -0.14 18.25 14.15
C HIS A 224 0.43 19.66 14.03
N ILE A 225 0.83 20.08 12.83
CA ILE A 225 1.56 21.35 12.73
C ILE A 225 0.68 22.59 12.96
N LYS A 226 -0.63 22.43 13.07
CA LYS A 226 -1.47 23.56 13.45
C LYS A 226 -1.11 24.04 14.86
N GLN A 227 -0.53 23.14 15.66
CA GLN A 227 -0.07 23.51 17.00
C GLN A 227 1.14 24.45 16.94
N ASN A 228 1.92 24.36 15.89
CA ASN A 228 3.12 25.17 15.76
C ASN A 228 2.85 26.58 15.22
N TYR A 229 1.77 26.73 14.49
CA TYR A 229 1.48 28.02 13.86
C TYR A 229 0.30 28.72 14.50
N GLY A 230 -0.63 27.94 15.05
CA GLY A 230 -1.82 28.50 15.67
C GLY A 230 -3.03 28.49 14.76
N ILE A 231 -4.20 28.67 15.35
CA ILE A 231 -5.44 28.70 14.60
C ILE A 231 -6.09 30.06 14.71
N ASN A 232 -6.06 30.81 13.62
CA ASN A 232 -6.49 32.20 13.63
C ASN A 232 -7.98 32.31 13.93
N ASN A 233 -8.37 33.35 14.68
CA ASN A 233 -9.78 33.61 14.93
C ASN A 233 -10.56 33.84 13.65
#